data_4IKA
#
_entry.id   4IKA
#
_cell.length_a   103.596
_cell.length_b   103.596
_cell.length_c   132.170
_cell.angle_alpha   90.00
_cell.angle_beta   90.00
_cell.angle_gamma   120.00
#
_symmetry.space_group_name_H-M   'P 32 2 1'
#
loop_
_entity.id
_entity.type
_entity.pdbx_description
1 polymer 3Dpol
2 polymer VPg
3 non-polymer 'NICKEL (II) ION'
4 water water
#
loop_
_entity_poly.entity_id
_entity_poly.type
_entity_poly.pdbx_seq_one_letter_code
_entity_poly.pdbx_strand_id
1 'polypeptide(L)'
;GEIQWVKPNKETGRLSINGPTRTKLEPSVFHDVFEGNKEPAVLHSKDPRLEVDFEQALFSKYVGNTLYEPDEYIKEAALH
YANQLKQLEINTSQMSMEEACYGTENLEAIDLHTSAGYPYSALGIKKRDILDPTTRDVSKMKFYMDKYGLDLPYSTYVKD
ELRSIDKIKKGKSRLIEASSLNDSVYLRMAFGHLYETFHANPGTITGSAVGCNPDTFWSKLPILLPGSLFAFDYSGYDAS
LSPVWFRALELVLREIGYSEEAISLIEGINHTHHVYRNKTYCVLGGMPSGCSGTSIFNSMINNIIIRALLIKTFKGIDLD
ELNMVAYGDDVLASYPFPIDCLELAKTGKEYGLTMTPADKSPCFNEVNWDNATFLKRGFLPDEQFPFLIHPTMPMREIHE
SIRWTKDARNTQDHVRSLCLLAWHNGKQEYEKFVSTIRSVPVGRALAIPNYENLRRNWLELF
;
A
2 'polypeptide(L)' GAYSGAPKQVLKKPALRTATVQ D
#
loop_
_chem_comp.id
_chem_comp.type
_chem_comp.name
_chem_comp.formula
NI non-polymer 'NICKEL (II) ION' 'Ni 2'
#
# COMPACT_ATOMS: atom_id res chain seq x y z
N GLY A 1 -0.31 14.01 -9.44
CA GLY A 1 -1.71 14.22 -9.10
C GLY A 1 -2.00 15.68 -8.80
N GLU A 2 -3.19 16.14 -9.16
CA GLU A 2 -3.49 17.55 -9.03
C GLU A 2 -4.96 17.91 -8.96
N ILE A 3 -5.32 18.64 -7.91
CA ILE A 3 -6.66 19.17 -7.77
C ILE A 3 -6.93 20.16 -8.90
N GLN A 4 -8.05 20.02 -9.57
CA GLN A 4 -8.39 20.91 -10.66
C GLN A 4 -9.28 22.05 -10.17
N TRP A 5 -10.22 21.72 -9.29
CA TRP A 5 -11.11 22.73 -8.74
C TRP A 5 -11.76 22.35 -7.42
N VAL A 6 -12.37 23.33 -6.77
CA VAL A 6 -13.12 23.12 -5.54
C VAL A 6 -14.42 23.92 -5.58
N LYS A 7 -15.48 23.36 -5.03
CA LYS A 7 -16.79 23.99 -5.06
C LYS A 7 -17.47 23.56 -3.77
N PRO A 8 -18.25 24.46 -3.16
CA PRO A 8 -19.05 24.13 -1.99
C PRO A 8 -20.07 23.04 -2.34
N ASN A 9 -20.35 22.11 -1.42
CA ASN A 9 -21.36 21.10 -1.68
C ASN A 9 -22.67 21.77 -2.00
N LYS A 10 -22.83 23.00 -1.52
CA LYS A 10 -24.00 23.79 -1.82
C LYS A 10 -24.13 23.94 -3.33
N GLU A 11 -23.02 24.28 -3.97
CA GLU A 11 -22.99 24.50 -5.42
C GLU A 11 -23.00 23.22 -6.25
N THR A 12 -22.56 22.09 -5.68
CA THR A 12 -22.52 20.86 -6.45
C THR A 12 -23.72 19.96 -6.17
N GLY A 13 -24.31 20.09 -4.99
CA GLY A 13 -25.43 19.23 -4.62
C GLY A 13 -25.00 17.94 -3.94
N ARG A 14 -23.70 17.73 -3.81
CA ARG A 14 -23.14 16.56 -3.14
C ARG A 14 -23.41 16.57 -1.63
N LEU A 15 -23.77 15.42 -1.08
CA LEU A 15 -24.07 15.25 0.34
C LEU A 15 -22.83 15.31 1.23
N SER A 16 -22.89 16.14 2.27
CA SER A 16 -21.76 16.30 3.19
C SER A 16 -21.84 15.25 4.26
N ILE A 17 -20.77 15.11 5.03
CA ILE A 17 -20.74 14.21 6.18
C ILE A 17 -20.48 15.00 7.46
N ASN A 18 -21.30 14.78 8.47
CA ASN A 18 -21.16 15.49 9.75
C ASN A 18 -20.36 14.73 10.79
N GLY A 19 -19.05 14.60 10.56
CA GLY A 19 -18.18 13.90 11.48
C GLY A 19 -17.96 14.71 12.73
N PRO A 20 -17.32 14.05 13.79
CA PRO A 20 -17.12 14.88 14.97
C PRO A 20 -15.70 15.39 15.07
N THR A 21 -14.74 14.60 14.59
CA THR A 21 -13.33 14.98 14.62
C THR A 21 -12.66 14.62 15.94
N ARG A 22 -13.26 13.70 16.69
CA ARG A 22 -12.70 13.24 17.95
C ARG A 22 -11.98 11.91 17.79
N THR A 23 -10.74 11.84 18.27
CA THR A 23 -9.95 10.61 18.10
C THR A 23 -10.43 9.53 19.05
N LYS A 24 -10.47 8.30 18.54
CA LYS A 24 -10.90 7.16 19.34
C LYS A 24 -9.73 6.60 20.15
N LEU A 25 -8.55 7.21 20.00
CA LEU A 25 -7.30 6.74 20.62
C LEU A 25 -7.07 7.29 22.01
N GLU A 26 -6.89 6.38 22.96
CA GLU A 26 -6.71 6.72 24.36
C GLU A 26 -5.32 6.23 24.79
N PRO A 27 -4.69 6.95 25.73
CA PRO A 27 -3.46 6.39 26.32
C PRO A 27 -3.80 5.12 27.08
N SER A 28 -3.01 4.07 26.84
CA SER A 28 -3.25 2.74 27.38
C SER A 28 -2.56 2.58 28.71
N VAL A 29 -2.81 1.44 29.34
CA VAL A 29 -2.25 1.15 30.65
C VAL A 29 -0.72 1.07 30.63
N PHE A 30 -0.15 1.02 29.44
CA PHE A 30 1.30 1.04 29.31
C PHE A 30 1.74 2.36 28.76
N HIS A 31 0.83 3.31 28.75
CA HIS A 31 1.10 4.60 28.16
C HIS A 31 2.44 5.19 28.60
N ASP A 32 2.64 5.31 29.91
CA ASP A 32 3.87 5.86 30.41
C ASP A 32 4.86 4.77 30.91
N VAL A 33 4.48 3.50 30.73
CA VAL A 33 5.38 2.36 30.94
C VAL A 33 6.39 2.18 29.80
N PHE A 34 5.95 2.34 28.57
CA PHE A 34 6.89 2.26 27.46
C PHE A 34 7.23 3.65 26.96
N GLU A 35 8.32 3.77 26.19
CA GLU A 35 8.69 5.07 25.64
C GLU A 35 8.25 5.31 24.19
N GLY A 36 7.87 6.56 23.93
CA GLY A 36 7.38 6.97 22.63
C GLY A 36 7.08 8.46 22.59
N ASN A 37 6.97 9.00 21.38
CA ASN A 37 6.65 10.40 21.20
C ASN A 37 5.66 10.64 20.08
N LYS A 38 4.78 9.67 19.83
CA LYS A 38 3.71 9.85 18.86
C LYS A 38 2.38 10.05 19.57
N GLU A 39 1.43 10.65 18.88
CA GLU A 39 0.07 10.77 19.40
C GLU A 39 -0.92 10.93 18.26
N PRO A 40 -2.22 10.91 18.59
CA PRO A 40 -3.28 10.92 17.57
C PRO A 40 -3.09 12.06 16.57
N ALA A 41 -3.26 11.74 15.29
CA ALA A 41 -3.14 12.74 14.24
C ALA A 41 -4.14 13.87 14.45
N VAL A 42 -3.81 15.03 13.88
CA VAL A 42 -4.71 16.18 13.84
C VAL A 42 -5.94 15.88 12.97
N LEU A 43 -7.12 16.00 13.56
CA LEU A 43 -8.34 15.54 12.91
C LEU A 43 -9.17 16.69 12.35
N HIS A 44 -8.98 17.90 12.87
CA HIS A 44 -9.74 19.05 12.40
C HIS A 44 -8.88 20.31 12.38
N SER A 45 -9.38 21.36 11.74
CA SER A 45 -8.56 22.51 11.37
C SER A 45 -8.09 23.40 12.54
N LYS A 46 -8.67 23.17 13.72
CA LYS A 46 -8.38 24.03 14.87
C LYS A 46 -7.60 23.36 16.00
N ASP A 47 -7.21 22.10 15.81
CA ASP A 47 -6.43 21.39 16.82
C ASP A 47 -5.36 22.34 17.37
N PRO A 48 -5.34 22.49 18.71
CA PRO A 48 -4.43 23.42 19.40
C PRO A 48 -2.98 23.17 19.05
N ARG A 49 -2.69 22.02 18.45
CA ARG A 49 -1.31 21.61 18.22
C ARG A 49 -0.77 22.02 16.83
N LEU A 50 -1.66 22.56 16.00
CA LEU A 50 -1.32 22.99 14.65
C LEU A 50 -0.47 24.26 14.60
N GLU A 51 0.69 24.17 13.98
CA GLU A 51 1.50 25.35 13.70
C GLU A 51 1.26 25.80 12.26
N VAL A 52 0.24 25.24 11.63
CA VAL A 52 -0.11 25.59 10.24
C VAL A 52 -1.60 25.52 9.92
N ASP A 53 -1.94 26.01 8.74
CA ASP A 53 -3.26 25.82 8.17
C ASP A 53 -3.40 24.33 7.83
N PHE A 54 -4.39 23.68 8.45
CA PHE A 54 -4.67 22.27 8.22
C PHE A 54 -4.97 21.95 6.74
N GLU A 55 -6.12 22.37 6.24
CA GLU A 55 -6.51 22.13 4.85
C GLU A 55 -5.34 22.35 3.90
N GLN A 56 -4.63 23.46 4.08
CA GLN A 56 -3.37 23.67 3.41
C GLN A 56 -2.57 22.38 3.38
N ALA A 57 -2.27 21.87 4.57
CA ALA A 57 -1.33 20.78 4.74
C ALA A 57 -1.80 19.51 4.05
N LEU A 58 -3.02 19.09 4.41
CA LEU A 58 -3.67 17.92 3.86
C LEU A 58 -3.48 17.82 2.34
N PHE A 59 -3.65 18.93 1.64
CA PHE A 59 -3.60 18.90 0.18
C PHE A 59 -2.26 19.22 -0.49
N SER A 60 -1.23 19.54 0.29
CA SER A 60 0.08 19.80 -0.29
C SER A 60 0.59 18.57 -1.07
N LYS A 61 0.04 17.39 -0.76
CA LYS A 61 0.53 16.14 -1.35
C LYS A 61 0.35 16.12 -2.86
N TYR A 62 -0.67 16.83 -3.31
CA TYR A 62 -1.00 16.95 -4.72
C TYR A 62 -0.03 17.91 -5.39
N VAL A 63 1.16 17.40 -5.66
CA VAL A 63 2.28 18.19 -6.13
C VAL A 63 2.18 18.52 -7.62
N GLY A 64 1.14 18.05 -8.28
CA GLY A 64 0.90 18.39 -9.66
C GLY A 64 1.14 17.24 -10.61
N ASN A 65 1.15 17.56 -11.90
CA ASN A 65 1.25 16.55 -12.95
C ASN A 65 2.30 16.86 -14.00
N THR A 66 3.25 15.94 -14.21
CA THR A 66 4.26 16.15 -15.23
C THR A 66 4.15 15.54 -16.63
N LEU A 67 3.65 14.31 -16.75
CA LEU A 67 3.45 13.68 -18.06
C LEU A 67 1.97 13.35 -18.06
N TYR A 68 1.32 13.45 -19.23
CA TYR A 68 -0.07 13.01 -19.37
C TYR A 68 -0.19 11.80 -20.30
N GLU A 69 0.88 11.56 -21.06
CA GLU A 69 0.96 10.41 -21.95
C GLU A 69 2.39 9.91 -22.07
N PRO A 70 2.53 8.57 -22.19
CA PRO A 70 3.82 7.85 -22.13
C PRO A 70 4.81 8.24 -23.22
N ASP A 71 6.08 8.36 -22.86
CA ASP A 71 7.15 8.49 -23.82
C ASP A 71 7.43 7.08 -24.35
N GLU A 72 8.58 6.86 -24.99
CA GLU A 72 8.89 5.52 -25.50
C GLU A 72 9.31 4.62 -24.34
N TYR A 73 10.01 5.21 -23.38
CA TYR A 73 10.57 4.46 -22.26
C TYR A 73 9.47 3.81 -21.42
N ILE A 74 8.41 4.55 -21.21
CA ILE A 74 7.26 4.08 -20.46
C ILE A 74 6.43 3.06 -21.23
N LYS A 75 6.46 3.16 -22.56
CA LYS A 75 5.77 2.18 -23.39
C LYS A 75 6.52 0.84 -23.40
N GLU A 76 7.84 0.91 -23.61
CA GLU A 76 8.68 -0.30 -23.64
C GLU A 76 8.55 -1.03 -22.31
N ALA A 77 8.36 -0.25 -21.23
CA ALA A 77 8.27 -0.76 -19.87
C ALA A 77 6.92 -1.41 -19.59
N ALA A 78 5.86 -0.76 -20.04
CA ALA A 78 4.51 -1.32 -19.91
C ALA A 78 4.38 -2.66 -20.59
N LEU A 79 5.00 -2.80 -21.76
CA LEU A 79 4.99 -4.06 -22.50
C LEU A 79 5.70 -5.18 -21.79
N HIS A 80 6.92 -4.93 -21.30
CA HIS A 80 7.67 -5.99 -20.63
C HIS A 80 6.93 -6.56 -19.43
N TYR A 81 6.37 -5.68 -18.61
CA TYR A 81 5.61 -6.15 -17.47
C TYR A 81 4.41 -6.97 -17.96
N ALA A 82 3.65 -6.40 -18.91
CA ALA A 82 2.49 -7.08 -19.49
C ALA A 82 2.90 -8.44 -20.02
N ASN A 83 3.96 -8.46 -20.82
CA ASN A 83 4.50 -9.72 -21.28
C ASN A 83 4.74 -10.65 -20.09
N GLN A 84 5.57 -10.24 -19.16
CA GLN A 84 5.88 -11.07 -18.00
C GLN A 84 4.60 -11.63 -17.38
N LEU A 85 3.56 -10.80 -17.31
CA LEU A 85 2.29 -11.23 -16.71
C LEU A 85 1.60 -12.35 -17.50
N LYS A 86 1.79 -12.35 -18.82
CA LYS A 86 1.13 -13.32 -19.70
C LYS A 86 1.23 -14.76 -19.18
N GLN A 87 2.42 -15.15 -18.72
CA GLN A 87 2.66 -16.52 -18.25
C GLN A 87 1.73 -16.93 -17.09
N LEU A 88 1.05 -15.95 -16.50
CA LEU A 88 0.12 -16.21 -15.39
C LEU A 88 -1.24 -16.76 -15.85
N GLU A 89 -1.53 -16.65 -17.15
CA GLU A 89 -2.81 -17.09 -17.70
C GLU A 89 -3.98 -16.46 -16.91
N ILE A 90 -3.93 -15.15 -16.73
CA ILE A 90 -4.93 -14.46 -15.89
C ILE A 90 -6.35 -14.47 -16.47
N ASN A 91 -7.34 -14.81 -15.63
CA ASN A 91 -8.74 -14.85 -16.06
C ASN A 91 -9.33 -13.45 -16.30
N THR A 92 -9.47 -13.12 -17.58
CA THR A 92 -9.79 -11.77 -18.02
C THR A 92 -11.30 -11.53 -18.01
N SER A 93 -12.05 -12.59 -17.75
CA SER A 93 -13.51 -12.51 -17.79
C SER A 93 -14.11 -11.99 -16.48
N GLN A 94 -15.22 -11.27 -16.58
CA GLN A 94 -15.89 -10.69 -15.42
C GLN A 94 -16.25 -11.67 -14.30
N MET A 95 -16.20 -11.17 -13.06
CA MET A 95 -16.58 -11.93 -11.90
C MET A 95 -18.06 -11.82 -11.58
N SER A 96 -18.64 -12.90 -11.07
CA SER A 96 -19.99 -12.78 -10.53
C SER A 96 -19.99 -11.76 -9.41
N MET A 97 -21.09 -11.04 -9.28
CA MET A 97 -21.23 -10.10 -8.18
C MET A 97 -21.10 -10.83 -6.85
N GLU A 98 -21.66 -12.03 -6.76
CA GLU A 98 -21.63 -12.78 -5.51
C GLU A 98 -20.19 -12.96 -5.05
N GLU A 99 -19.33 -13.40 -5.97
CA GLU A 99 -17.92 -13.61 -5.67
C GLU A 99 -17.26 -12.28 -5.33
N ALA A 100 -17.52 -11.28 -6.16
CA ALA A 100 -17.00 -9.93 -5.94
C ALA A 100 -17.35 -9.39 -4.56
N CYS A 101 -18.56 -9.67 -4.08
CA CYS A 101 -18.98 -9.16 -2.79
C CYS A 101 -18.62 -10.10 -1.64
N TYR A 102 -18.78 -11.40 -1.85
CA TYR A 102 -18.67 -12.31 -0.72
C TYR A 102 -17.37 -13.12 -0.67
N GLY A 103 -16.55 -12.98 -1.70
CA GLY A 103 -15.23 -13.55 -1.67
C GLY A 103 -15.07 -14.89 -2.36
N THR A 104 -13.84 -15.36 -2.35
CA THR A 104 -13.49 -16.68 -2.86
C THR A 104 -12.27 -17.01 -2.02
N GLU A 105 -11.66 -18.18 -2.23
CA GLU A 105 -10.34 -18.40 -1.66
C GLU A 105 -9.41 -17.68 -2.64
N ASN A 106 -8.58 -16.78 -2.12
CA ASN A 106 -7.74 -15.90 -2.95
C ASN A 106 -8.41 -14.61 -3.40
N LEU A 107 -9.54 -14.26 -2.78
CA LEU A 107 -10.17 -12.97 -3.00
C LEU A 107 -11.07 -12.88 -1.76
N GLU A 108 -10.69 -12.05 -0.80
CA GLU A 108 -11.46 -11.92 0.44
C GLU A 108 -12.68 -11.01 0.32
N ALA A 109 -13.73 -11.37 1.05
CA ALA A 109 -15.00 -10.65 1.01
C ALA A 109 -14.85 -9.17 1.35
N ILE A 110 -15.77 -8.33 0.85
CA ILE A 110 -15.70 -6.90 1.14
C ILE A 110 -15.83 -6.69 2.65
N ASP A 111 -15.01 -5.84 3.24
CA ASP A 111 -15.02 -5.67 4.68
C ASP A 111 -16.27 -4.96 5.22
N LEU A 112 -17.13 -5.70 5.89
CA LEU A 112 -18.35 -5.11 6.42
C LEU A 112 -18.04 -4.14 7.56
N HIS A 113 -16.78 -4.09 7.99
CA HIS A 113 -16.38 -3.27 9.14
C HIS A 113 -15.82 -1.91 8.75
N THR A 114 -15.92 -1.55 7.47
CA THR A 114 -15.52 -0.22 7.03
C THR A 114 -16.64 0.46 6.26
N SER A 115 -16.46 1.72 5.92
CA SER A 115 -17.53 2.53 5.38
C SER A 115 -17.94 2.11 3.97
N ALA A 116 -19.25 2.13 3.70
CA ALA A 116 -19.74 1.99 2.34
C ALA A 116 -19.52 3.35 1.74
N GLY A 117 -19.66 3.49 0.43
CA GLY A 117 -19.20 4.72 -0.17
C GLY A 117 -19.99 6.00 0.08
N TYR A 118 -19.81 6.94 -0.84
CA TYR A 118 -20.77 8.00 -1.06
C TYR A 118 -21.89 7.30 -1.83
N PRO A 119 -23.17 7.66 -1.59
CA PRO A 119 -23.75 8.59 -0.61
C PRO A 119 -24.18 7.84 0.63
N TYR A 120 -23.79 6.57 0.72
CA TYR A 120 -24.26 5.68 1.78
C TYR A 120 -23.93 6.21 3.16
N SER A 121 -22.65 6.54 3.35
CA SER A 121 -22.19 7.03 4.64
C SER A 121 -22.96 8.31 5.04
N ALA A 122 -23.13 9.22 4.10
CA ALA A 122 -23.84 10.46 4.37
C ALA A 122 -25.30 10.22 4.75
N LEU A 123 -25.91 9.18 4.18
CA LEU A 123 -27.33 8.87 4.39
C LEU A 123 -27.53 7.91 5.56
N GLY A 124 -26.45 7.54 6.22
CA GLY A 124 -26.54 6.60 7.32
C GLY A 124 -26.86 5.18 6.91
N ILE A 125 -26.57 4.82 5.66
CA ILE A 125 -26.72 3.43 5.26
C ILE A 125 -25.41 2.67 5.38
N LYS A 126 -25.49 1.47 5.93
CA LYS A 126 -24.32 0.69 6.30
C LYS A 126 -24.12 -0.50 5.37
N LYS A 127 -22.89 -0.99 5.33
CA LYS A 127 -22.58 -2.17 4.56
C LYS A 127 -23.42 -3.37 4.99
N ARG A 128 -23.50 -3.57 6.30
CA ARG A 128 -24.25 -4.70 6.84
C ARG A 128 -25.72 -4.58 6.40
N ASP A 129 -26.18 -3.35 6.24
CA ASP A 129 -27.51 -3.08 5.71
C ASP A 129 -27.74 -3.69 4.33
N ILE A 130 -26.67 -3.83 3.55
CA ILE A 130 -26.80 -4.36 2.20
C ILE A 130 -26.26 -5.78 2.07
N LEU A 131 -25.13 -6.06 2.71
CA LEU A 131 -24.50 -7.37 2.55
C LEU A 131 -24.71 -8.36 3.71
N ASP A 132 -24.94 -9.62 3.37
CA ASP A 132 -25.11 -10.66 4.38
C ASP A 132 -24.37 -11.96 4.01
N PRO A 133 -23.33 -12.30 4.78
CA PRO A 133 -22.45 -13.45 4.52
C PRO A 133 -23.24 -14.75 4.59
N THR A 134 -24.19 -14.79 5.52
CA THR A 134 -24.99 -15.98 5.73
C THR A 134 -25.85 -16.31 4.51
N THR A 135 -26.30 -15.27 3.80
CA THR A 135 -27.16 -15.49 2.63
C THR A 135 -26.41 -15.41 1.31
N ARG A 136 -25.29 -14.68 1.33
CA ARG A 136 -24.54 -14.35 0.11
C ARG A 136 -25.48 -13.81 -0.95
N ASP A 137 -26.34 -12.88 -0.55
CA ASP A 137 -27.39 -12.40 -1.43
C ASP A 137 -27.04 -11.08 -2.10
N VAL A 138 -27.23 -11.00 -3.42
CA VAL A 138 -26.79 -9.82 -4.16
C VAL A 138 -27.91 -8.93 -4.69
N SER A 139 -29.17 -9.32 -4.49
CA SER A 139 -30.30 -8.55 -5.01
C SER A 139 -30.41 -7.15 -4.40
N LYS A 140 -29.97 -6.98 -3.17
CA LYS A 140 -30.04 -5.68 -2.54
C LYS A 140 -28.91 -4.74 -3.02
N MET A 141 -27.74 -5.31 -3.29
CA MET A 141 -26.66 -4.55 -3.90
C MET A 141 -27.07 -4.07 -5.27
N LYS A 142 -27.68 -4.96 -6.06
CA LYS A 142 -28.08 -4.62 -7.42
C LYS A 142 -29.05 -3.45 -7.36
N PHE A 143 -29.95 -3.53 -6.39
CA PHE A 143 -30.95 -2.51 -6.18
C PHE A 143 -30.30 -1.15 -5.85
N TYR A 144 -29.28 -1.18 -5.01
CA TYR A 144 -28.61 0.06 -4.66
C TYR A 144 -27.73 0.55 -5.79
N MET A 145 -27.11 -0.38 -6.49
CA MET A 145 -26.32 -0.06 -7.66
C MET A 145 -27.18 0.61 -8.72
N ASP A 146 -28.36 0.06 -8.94
CA ASP A 146 -29.24 0.57 -9.96
C ASP A 146 -29.74 1.93 -9.47
N LYS A 147 -30.00 2.04 -8.18
CA LYS A 147 -30.44 3.29 -7.63
C LYS A 147 -29.45 4.44 -7.81
N TYR A 148 -28.25 4.30 -7.23
CA TYR A 148 -27.30 5.42 -7.24
C TYR A 148 -26.33 5.47 -8.43
N GLY A 149 -26.30 4.41 -9.23
CA GLY A 149 -25.44 4.37 -10.39
C GLY A 149 -23.99 4.18 -10.02
N LEU A 150 -23.10 4.50 -10.96
CA LEU A 150 -21.68 4.31 -10.75
C LEU A 150 -20.89 5.59 -10.92
N ASP A 151 -19.58 5.48 -10.90
CA ASP A 151 -18.69 6.63 -10.90
C ASP A 151 -19.13 7.72 -9.92
N LEU A 152 -19.33 7.28 -8.68
CA LEU A 152 -19.64 8.18 -7.60
C LEU A 152 -18.36 8.82 -7.05
N PRO A 153 -18.52 9.90 -6.26
CA PRO A 153 -17.44 10.62 -5.59
C PRO A 153 -16.76 9.81 -4.49
N TYR A 154 -15.44 9.86 -4.44
CA TYR A 154 -14.73 9.35 -3.30
C TYR A 154 -15.01 10.23 -2.10
N SER A 155 -15.79 9.69 -1.18
CA SER A 155 -16.00 10.31 0.13
C SER A 155 -14.67 10.32 0.89
N THR A 156 -14.33 11.44 1.54
CA THR A 156 -12.96 11.62 2.03
C THR A 156 -12.89 12.11 3.47
N TYR A 157 -12.03 11.50 4.27
CA TYR A 157 -11.84 11.94 5.66
C TYR A 157 -10.42 11.65 6.21
N VAL A 158 -10.09 12.30 7.33
CA VAL A 158 -8.78 12.15 7.95
C VAL A 158 -8.64 10.81 8.71
N LYS A 159 -7.53 10.12 8.49
CA LYS A 159 -7.24 8.85 9.16
C LYS A 159 -6.94 9.07 10.64
N ASP A 160 -7.71 8.40 11.48
CA ASP A 160 -7.50 8.38 12.94
C ASP A 160 -6.37 7.44 13.31
N GLU A 161 -5.18 7.98 13.51
CA GLU A 161 -4.01 7.15 13.72
C GLU A 161 -2.90 7.97 14.35
N LEU A 162 -1.91 7.29 14.92
CA LEU A 162 -0.79 7.99 15.58
C LEU A 162 0.17 8.68 14.58
N ARG A 163 0.67 9.86 14.93
CA ARG A 163 1.66 10.53 14.10
C ARG A 163 2.82 11.01 14.95
N SER A 164 3.98 11.16 14.32
CA SER A 164 5.11 11.81 14.98
C SER A 164 4.72 13.26 15.28
N ILE A 165 5.43 13.86 16.23
CA ILE A 165 5.09 15.20 16.69
C ILE A 165 5.30 16.22 15.59
N ASP A 166 6.30 15.99 14.76
CA ASP A 166 6.60 16.88 13.65
C ASP A 166 5.48 16.83 12.61
N LYS A 167 4.96 15.64 12.35
CA LYS A 167 3.86 15.47 11.39
C LYS A 167 2.55 16.08 11.96
N ILE A 168 2.53 16.29 13.28
CA ILE A 168 1.36 16.84 13.97
C ILE A 168 1.39 18.38 14.03
N LYS A 169 2.57 18.94 14.19
CA LYS A 169 2.71 20.40 14.13
C LYS A 169 2.48 20.82 12.69
N LYS A 170 3.14 20.12 11.77
CA LYS A 170 3.08 20.44 10.35
C LYS A 170 1.75 20.04 9.70
N GLY A 171 0.84 19.47 10.49
CA GLY A 171 -0.47 19.08 10.02
C GLY A 171 -0.48 17.96 8.98
N LYS A 172 0.58 17.16 8.98
CA LYS A 172 0.70 16.08 8.00
C LYS A 172 -0.09 14.83 8.39
N SER A 173 -1.42 14.98 8.54
CA SER A 173 -2.30 13.84 8.73
C SER A 173 -2.57 13.18 7.38
N ARG A 174 -3.20 12.01 7.39
CA ARG A 174 -3.49 11.32 6.13
C ARG A 174 -4.98 11.15 5.85
N LEU A 175 -5.31 10.97 4.58
CA LEU A 175 -6.71 10.92 4.21
C LEU A 175 -7.15 9.52 3.84
N ILE A 176 -8.41 9.23 4.13
CA ILE A 176 -9.01 8.03 3.62
C ILE A 176 -9.94 8.45 2.50
N GLU A 177 -9.66 7.94 1.30
CA GLU A 177 -10.47 8.32 0.16
C GLU A 177 -11.16 7.08 -0.35
N ALA A 178 -12.31 6.79 0.25
CA ALA A 178 -13.06 5.58 -0.02
C ALA A 178 -13.89 5.70 -1.29
N SER A 179 -13.76 4.75 -2.20
CA SER A 179 -14.72 4.67 -3.30
C SER A 179 -16.07 4.25 -2.74
N SER A 180 -17.12 4.69 -3.39
CA SER A 180 -18.48 4.23 -3.15
C SER A 180 -18.53 2.71 -3.30
N LEU A 181 -19.25 2.03 -2.41
CA LEU A 181 -19.43 0.60 -2.51
C LEU A 181 -19.81 0.15 -3.93
N ASN A 182 -20.60 0.97 -4.62
CA ASN A 182 -21.02 0.61 -5.97
C ASN A 182 -19.83 0.38 -6.89
N ASP A 183 -18.86 1.28 -6.86
CA ASP A 183 -17.71 1.18 -7.74
C ASP A 183 -16.78 0.09 -7.21
N SER A 184 -16.68 -0.07 -5.90
CA SER A 184 -15.89 -1.16 -5.34
C SER A 184 -16.37 -2.51 -5.89
N VAL A 185 -17.68 -2.73 -5.88
CA VAL A 185 -18.24 -3.94 -6.46
C VAL A 185 -17.98 -4.02 -7.97
N TYR A 186 -18.44 -3.02 -8.70
CA TYR A 186 -18.23 -2.97 -10.13
C TYR A 186 -16.76 -3.16 -10.53
N LEU A 187 -15.84 -2.62 -9.73
CA LEU A 187 -14.42 -2.79 -10.03
C LEU A 187 -13.96 -4.22 -9.80
N ARG A 188 -14.40 -4.80 -8.69
CA ARG A 188 -14.04 -6.15 -8.32
C ARG A 188 -14.59 -7.15 -9.33
N MET A 189 -15.77 -6.88 -9.87
CA MET A 189 -16.28 -7.75 -10.92
C MET A 189 -15.37 -7.69 -12.15
N ALA A 190 -14.84 -6.51 -12.46
CA ALA A 190 -13.97 -6.35 -13.62
C ALA A 190 -12.56 -6.94 -13.42
N PHE A 191 -12.06 -6.95 -12.20
CA PHE A 191 -10.66 -7.36 -11.99
C PHE A 191 -10.45 -8.42 -10.92
N GLY A 192 -11.55 -8.84 -10.30
CA GLY A 192 -11.52 -9.86 -9.27
C GLY A 192 -10.71 -11.11 -9.57
N HIS A 193 -10.67 -11.53 -10.83
CA HIS A 193 -9.89 -12.70 -11.14
C HIS A 193 -8.42 -12.37 -11.18
N LEU A 194 -8.07 -11.20 -11.69
CA LEU A 194 -6.71 -10.72 -11.62
C LEU A 194 -6.26 -10.58 -10.16
N TYR A 195 -7.17 -10.14 -9.28
CA TYR A 195 -6.86 -9.99 -7.88
C TYR A 195 -6.55 -11.34 -7.28
N GLU A 196 -7.35 -12.34 -7.65
CA GLU A 196 -7.14 -13.68 -7.14
C GLU A 196 -5.75 -14.17 -7.48
N THR A 197 -5.34 -13.98 -8.75
CA THR A 197 -4.08 -14.56 -9.17
C THR A 197 -2.94 -13.82 -8.53
N PHE A 198 -3.08 -12.51 -8.34
CA PHE A 198 -2.08 -11.76 -7.59
C PHE A 198 -1.96 -12.17 -6.13
N HIS A 199 -3.08 -12.36 -5.44
CA HIS A 199 -3.07 -12.80 -4.04
C HIS A 199 -2.47 -14.18 -3.89
N ALA A 200 -2.68 -15.03 -4.90
CA ALA A 200 -2.24 -16.41 -4.84
C ALA A 200 -0.76 -16.53 -5.22
N ASN A 201 -0.26 -15.52 -5.91
CA ASN A 201 1.12 -15.54 -6.41
C ASN A 201 1.93 -14.31 -6.11
N PRO A 202 2.06 -13.99 -4.80
CA PRO A 202 2.99 -12.93 -4.38
C PRO A 202 4.38 -13.37 -4.79
N GLY A 203 5.14 -12.48 -5.38
CA GLY A 203 6.43 -12.84 -5.88
C GLY A 203 6.83 -12.10 -7.13
N THR A 204 7.70 -12.74 -7.90
CA THR A 204 8.56 -12.09 -8.87
C THR A 204 8.01 -12.06 -10.31
N ILE A 205 7.00 -12.88 -10.59
CA ILE A 205 6.30 -12.85 -11.86
C ILE A 205 5.20 -11.79 -11.86
N THR A 206 4.39 -11.79 -10.79
CA THR A 206 3.44 -10.72 -10.57
C THR A 206 4.17 -9.43 -10.25
N GLY A 207 5.32 -9.56 -9.61
CA GLY A 207 6.01 -8.41 -9.06
C GLY A 207 5.24 -7.78 -7.89
N SER A 208 4.49 -8.60 -7.15
CA SER A 208 3.57 -8.08 -6.13
C SER A 208 3.74 -8.77 -4.79
N ALA A 209 3.60 -8.01 -3.71
CA ALA A 209 3.77 -8.59 -2.40
C ALA A 209 2.48 -8.49 -1.65
N VAL A 210 1.42 -8.11 -2.37
CA VAL A 210 0.11 -7.90 -1.76
C VAL A 210 -0.53 -9.21 -1.29
N GLY A 211 -1.05 -9.19 -0.06
CA GLY A 211 -1.67 -10.34 0.54
C GLY A 211 -0.66 -11.43 0.86
N CYS A 212 0.56 -11.00 1.19
CA CYS A 212 1.62 -11.95 1.46
C CYS A 212 1.69 -12.16 2.96
N ASN A 213 2.16 -13.32 3.39
CA ASN A 213 2.36 -13.52 4.81
C ASN A 213 3.86 -13.42 5.04
N PRO A 214 4.31 -12.27 5.59
CA PRO A 214 5.72 -12.03 5.90
C PRO A 214 6.33 -13.16 6.72
N ASP A 215 5.60 -13.69 7.69
CA ASP A 215 6.09 -14.85 8.46
C ASP A 215 6.84 -15.86 7.57
N THR A 216 6.26 -16.12 6.40
CA THR A 216 6.80 -17.10 5.44
C THR A 216 7.38 -16.50 4.17
N PHE A 217 6.72 -15.48 3.61
CA PHE A 217 7.17 -14.87 2.35
C PHE A 217 8.59 -14.34 2.45
N TRP A 218 8.97 -13.90 3.64
CA TRP A 218 10.30 -13.34 3.86
C TRP A 218 11.42 -14.28 3.47
N SER A 219 11.25 -15.57 3.78
CA SER A 219 12.24 -16.57 3.44
C SER A 219 12.43 -16.76 1.96
N LYS A 220 11.38 -16.46 1.21
CA LYS A 220 11.38 -16.62 -0.22
C LYS A 220 12.08 -15.45 -0.90
N LEU A 221 12.21 -14.34 -0.20
CA LEU A 221 12.72 -13.12 -0.85
C LEU A 221 14.17 -13.21 -1.30
N PRO A 222 15.06 -13.65 -0.39
CA PRO A 222 16.47 -13.73 -0.76
C PRO A 222 16.63 -14.54 -2.04
N ILE A 223 15.85 -15.60 -2.14
CA ILE A 223 15.88 -16.49 -3.28
C ILE A 223 15.36 -15.80 -4.56
N LEU A 224 14.33 -14.97 -4.42
CA LEU A 224 13.68 -14.35 -5.58
C LEU A 224 14.42 -13.12 -6.08
N LEU A 225 15.22 -12.53 -5.20
CA LEU A 225 15.93 -11.30 -5.51
C LEU A 225 17.44 -11.50 -5.41
N PRO A 226 18.00 -12.28 -6.34
CA PRO A 226 19.45 -12.54 -6.24
C PRO A 226 20.29 -11.46 -6.90
N GLY A 227 21.57 -11.42 -6.52
CA GLY A 227 22.49 -10.44 -7.07
C GLY A 227 22.56 -9.18 -6.24
N SER A 228 22.50 -8.04 -6.93
CA SER A 228 22.66 -6.75 -6.28
C SER A 228 21.31 -6.11 -5.97
N LEU A 229 21.01 -6.02 -4.67
CA LEU A 229 19.81 -5.38 -4.17
C LEU A 229 19.83 -3.88 -4.42
N PHE A 230 18.64 -3.33 -4.64
CA PHE A 230 18.47 -1.88 -4.55
C PHE A 230 17.05 -1.52 -4.09
N ALA A 231 16.87 -0.30 -3.61
CA ALA A 231 15.63 0.09 -2.95
C ALA A 231 15.65 1.55 -2.56
N PHE A 232 14.48 2.18 -2.58
CA PHE A 232 14.39 3.56 -2.14
C PHE A 232 13.01 3.84 -1.53
N ASP A 233 12.76 5.08 -1.16
CA ASP A 233 11.45 5.47 -0.62
C ASP A 233 10.84 6.51 -1.55
N TYR A 234 9.52 6.60 -1.53
CA TYR A 234 8.83 7.63 -2.30
C TYR A 234 8.23 8.64 -1.35
N SER A 235 8.26 9.92 -1.74
CA SER A 235 7.61 10.94 -0.97
C SER A 235 6.24 11.19 -1.57
N GLY A 236 5.21 10.70 -0.88
CA GLY A 236 3.84 10.80 -1.35
C GLY A 236 3.60 10.16 -2.71
N TYR A 237 4.11 8.96 -2.90
CA TYR A 237 3.86 8.18 -4.11
C TYR A 237 2.46 8.41 -4.69
N ASP A 238 1.45 7.94 -3.98
CA ASP A 238 0.06 8.00 -4.40
C ASP A 238 -0.35 9.33 -5.03
N ALA A 239 -0.14 10.41 -4.30
CA ALA A 239 -0.58 11.73 -4.78
C ALA A 239 0.33 12.29 -5.88
N SER A 240 1.53 11.74 -5.98
CA SER A 240 2.51 12.27 -6.92
C SER A 240 2.31 11.67 -8.30
N LEU A 241 1.56 10.58 -8.39
CA LEU A 241 1.40 9.87 -9.65
C LEU A 241 0.73 10.73 -10.71
N SER A 242 1.32 10.75 -11.89
CA SER A 242 0.79 11.54 -12.99
C SER A 242 -0.10 10.64 -13.82
N PRO A 243 -1.02 11.24 -14.60
CA PRO A 243 -1.92 10.49 -15.49
C PRO A 243 -1.21 9.53 -16.45
N VAL A 244 0.01 9.88 -16.89
CA VAL A 244 0.76 9.01 -17.75
C VAL A 244 0.81 7.58 -17.20
N TRP A 245 0.88 7.46 -15.87
CA TRP A 245 0.95 6.16 -15.22
C TRP A 245 -0.35 5.36 -15.29
N PHE A 246 -1.47 6.07 -15.41
CA PHE A 246 -2.75 5.42 -15.61
C PHE A 246 -2.93 5.03 -17.08
N ARG A 247 -2.35 5.81 -17.98
CA ARG A 247 -2.28 5.45 -19.38
C ARG A 247 -1.49 4.16 -19.48
N ALA A 248 -0.33 4.16 -18.83
CA ALA A 248 0.58 3.03 -18.91
C ALA A 248 -0.06 1.79 -18.32
N LEU A 249 -0.97 1.96 -17.38
CA LEU A 249 -1.67 0.83 -16.80
C LEU A 249 -2.68 0.21 -17.79
N GLU A 250 -3.41 1.07 -18.48
CA GLU A 250 -4.35 0.59 -19.47
C GLU A 250 -3.60 -0.18 -20.56
N LEU A 251 -2.42 0.31 -20.90
CA LEU A 251 -1.58 -0.34 -21.90
C LEU A 251 -1.39 -1.79 -21.55
N VAL A 252 -1.03 -2.01 -20.29
CA VAL A 252 -0.73 -3.33 -19.76
C VAL A 252 -1.96 -4.21 -19.65
N LEU A 253 -3.06 -3.63 -19.17
CA LEU A 253 -4.29 -4.38 -19.05
C LEU A 253 -4.74 -4.82 -20.42
N ARG A 254 -4.52 -3.96 -21.41
CA ARG A 254 -4.92 -4.27 -22.77
C ARG A 254 -4.06 -5.38 -23.37
N GLU A 255 -2.73 -5.26 -23.28
CA GLU A 255 -1.85 -6.32 -23.76
C GLU A 255 -2.16 -7.66 -23.12
N ILE A 256 -2.57 -7.67 -21.85
CA ILE A 256 -2.84 -8.98 -21.26
C ILE A 256 -4.25 -9.44 -21.59
N GLY A 257 -4.98 -8.62 -22.33
CA GLY A 257 -6.22 -9.06 -22.95
C GLY A 257 -7.51 -8.62 -22.28
N TYR A 258 -7.48 -7.55 -21.52
CA TYR A 258 -8.70 -7.07 -20.92
C TYR A 258 -9.56 -6.33 -21.95
N SER A 259 -10.87 -6.47 -21.78
CA SER A 259 -11.86 -5.78 -22.60
C SER A 259 -11.81 -4.25 -22.47
N GLU A 260 -12.45 -3.54 -23.39
CA GLU A 260 -12.41 -2.09 -23.35
C GLU A 260 -13.31 -1.47 -22.28
N GLU A 261 -14.35 -2.18 -21.89
CA GLU A 261 -15.17 -1.77 -20.75
C GLU A 261 -14.44 -1.89 -19.41
N ALA A 262 -13.69 -2.96 -19.25
CA ALA A 262 -12.85 -3.12 -18.07
C ALA A 262 -11.82 -2.00 -18.02
N ILE A 263 -11.25 -1.70 -19.19
CA ILE A 263 -10.14 -0.78 -19.24
C ILE A 263 -10.63 0.64 -18.95
N SER A 264 -11.90 0.89 -19.19
CA SER A 264 -12.48 2.22 -18.95
C SER A 264 -12.67 2.55 -17.47
N LEU A 265 -12.54 1.55 -16.62
CA LEU A 265 -12.65 1.77 -15.19
C LEU A 265 -11.41 2.51 -14.65
N ILE A 266 -10.27 2.32 -15.29
CA ILE A 266 -9.05 2.98 -14.85
C ILE A 266 -9.15 4.52 -14.86
N GLU A 267 -9.89 5.10 -15.80
CA GLU A 267 -10.06 6.56 -15.83
C GLU A 267 -10.80 7.10 -14.61
N GLY A 268 -11.83 6.37 -14.19
CA GLY A 268 -12.63 6.78 -13.05
C GLY A 268 -11.81 6.77 -11.78
N ILE A 269 -10.56 6.33 -11.92
CA ILE A 269 -9.59 6.32 -10.82
C ILE A 269 -8.51 7.36 -11.03
N ASN A 270 -8.07 7.53 -12.27
CA ASN A 270 -7.21 8.63 -12.64
C ASN A 270 -7.85 9.98 -12.34
N HIS A 271 -9.13 10.06 -12.68
CA HIS A 271 -9.87 11.31 -12.66
C HIS A 271 -11.08 11.18 -11.73
N THR A 272 -10.98 11.79 -10.55
CA THR A 272 -11.93 11.59 -9.45
C THR A 272 -12.58 12.84 -8.86
N HIS A 273 -13.67 12.63 -8.14
CA HIS A 273 -14.29 13.69 -7.36
C HIS A 273 -14.30 13.26 -5.90
N HIS A 274 -13.98 14.19 -5.01
CA HIS A 274 -14.00 13.87 -3.60
C HIS A 274 -14.99 14.77 -2.90
N VAL A 275 -15.48 14.33 -1.76
CA VAL A 275 -16.23 15.21 -0.88
C VAL A 275 -15.57 15.16 0.48
N TYR A 276 -14.81 16.20 0.82
CA TYR A 276 -14.27 16.32 2.15
C TYR A 276 -15.11 17.30 2.93
N ARG A 277 -15.69 16.80 4.03
CA ARG A 277 -16.60 17.58 4.85
C ARG A 277 -17.57 18.15 3.81
N ASN A 278 -17.77 19.45 3.78
CA ASN A 278 -18.57 20.02 2.69
C ASN A 278 -18.01 20.96 1.61
N LYS A 279 -16.95 20.52 0.96
CA LYS A 279 -16.52 21.03 -0.33
C LYS A 279 -16.35 19.79 -1.19
N THR A 280 -16.74 19.86 -2.45
CA THR A 280 -16.41 18.77 -3.34
C THR A 280 -15.31 19.27 -4.28
N TYR A 281 -14.47 18.37 -4.76
CA TYR A 281 -13.33 18.82 -5.54
C TYR A 281 -12.87 17.73 -6.51
N CYS A 282 -12.47 18.15 -7.70
CA CYS A 282 -11.99 17.21 -8.71
C CYS A 282 -10.50 16.99 -8.58
N VAL A 283 -10.08 15.73 -8.63
CA VAL A 283 -8.67 15.45 -8.71
C VAL A 283 -8.35 14.77 -10.01
N LEU A 284 -7.22 15.13 -10.60
CA LEU A 284 -6.75 14.52 -11.83
C LEU A 284 -5.34 14.03 -11.59
N GLY A 285 -5.11 12.75 -11.82
CA GLY A 285 -3.83 12.13 -11.55
C GLY A 285 -3.79 11.56 -10.14
N GLY A 286 -2.71 10.87 -9.80
CA GLY A 286 -2.56 10.30 -8.48
C GLY A 286 -3.57 9.19 -8.21
N MET A 287 -3.27 8.34 -7.24
CA MET A 287 -4.14 7.23 -6.88
C MET A 287 -4.80 7.46 -5.53
N PRO A 288 -6.09 7.17 -5.44
CA PRO A 288 -6.82 7.35 -4.18
C PRO A 288 -6.38 6.32 -3.15
N SER A 289 -6.95 6.36 -1.95
CA SER A 289 -6.55 5.45 -0.87
C SER A 289 -7.38 4.25 -0.39
N GLY A 290 -8.68 4.44 -0.26
CA GLY A 290 -9.58 3.37 0.13
C GLY A 290 -10.23 2.72 -1.07
N CYS A 291 -9.59 2.83 -2.22
CA CYS A 291 -10.10 2.25 -3.46
C CYS A 291 -9.66 0.80 -3.62
N SER A 292 -10.56 -0.02 -4.15
CA SER A 292 -10.28 -1.43 -4.37
C SER A 292 -9.10 -1.59 -5.33
N GLY A 293 -8.35 -2.67 -5.16
CA GLY A 293 -7.19 -2.92 -6.00
C GLY A 293 -6.20 -1.78 -5.94
N THR A 294 -6.51 -0.77 -5.12
CA THR A 294 -5.62 0.36 -4.93
C THR A 294 -4.20 -0.14 -4.72
N SER A 295 -4.05 -1.10 -3.81
CA SER A 295 -2.77 -1.75 -3.61
C SER A 295 -2.25 -2.44 -4.85
N ILE A 296 -3.08 -3.30 -5.47
CA ILE A 296 -2.63 -4.06 -6.64
C ILE A 296 -2.29 -3.13 -7.81
N PHE A 297 -3.17 -2.19 -8.13
CA PHE A 297 -2.91 -1.25 -9.21
C PHE A 297 -1.67 -0.40 -8.96
N ASN A 298 -1.44 -0.03 -7.71
CA ASN A 298 -0.27 0.76 -7.34
C ASN A 298 0.98 -0.04 -7.59
N SER A 299 0.93 -1.29 -7.13
CA SER A 299 2.03 -2.22 -7.27
C SER A 299 2.36 -2.49 -8.74
N MET A 300 1.31 -2.69 -9.52
CA MET A 300 1.46 -2.86 -10.96
C MET A 300 2.16 -1.67 -11.56
N ILE A 301 1.64 -0.48 -11.30
CA ILE A 301 2.26 0.77 -11.72
C ILE A 301 3.71 0.91 -11.29
N ASN A 302 3.99 0.57 -10.03
CA ASN A 302 5.35 0.56 -9.54
C ASN A 302 6.21 -0.41 -10.32
N ASN A 303 5.59 -1.48 -10.79
CA ASN A 303 6.32 -2.45 -11.59
C ASN A 303 6.70 -1.90 -12.95
N ILE A 304 5.92 -0.95 -13.44
CA ILE A 304 6.23 -0.25 -14.67
C ILE A 304 7.26 0.83 -14.41
N ILE A 305 7.02 1.63 -13.38
CA ILE A 305 7.91 2.73 -13.03
C ILE A 305 9.37 2.29 -12.98
N ILE A 306 9.69 1.40 -12.05
CA ILE A 306 11.04 0.87 -11.91
C ILE A 306 11.66 0.47 -13.25
N ARG A 307 10.82 0.05 -14.19
CA ARG A 307 11.31 -0.32 -15.52
C ARG A 307 11.67 0.95 -16.30
N ALA A 308 10.65 1.73 -16.65
CA ALA A 308 10.85 3.03 -17.29
C ALA A 308 12.05 3.76 -16.72
N LEU A 309 12.05 3.90 -15.40
CA LEU A 309 13.17 4.53 -14.71
C LEU A 309 14.51 3.92 -15.11
N LEU A 310 14.55 2.60 -15.28
CA LEU A 310 15.82 1.93 -15.56
C LEU A 310 16.32 2.14 -16.98
N ILE A 311 15.58 1.63 -17.95
CA ILE A 311 15.98 1.74 -19.34
C ILE A 311 16.19 3.20 -19.74
N LYS A 312 15.63 4.12 -18.99
CA LYS A 312 15.82 5.52 -19.31
C LYS A 312 17.09 6.07 -18.71
N THR A 313 17.38 5.70 -17.47
CA THR A 313 18.57 6.19 -16.80
C THR A 313 19.80 5.58 -17.42
N PHE A 314 19.77 4.26 -17.56
CA PHE A 314 20.95 3.54 -17.96
C PHE A 314 20.82 3.01 -19.35
N LYS A 315 21.94 2.51 -19.87
CA LYS A 315 21.98 1.93 -21.19
C LYS A 315 22.55 0.52 -21.06
N GLY A 316 21.94 -0.45 -21.73
CA GLY A 316 22.37 -1.83 -21.64
C GLY A 316 21.67 -2.57 -20.52
N ILE A 317 20.57 -1.98 -20.08
CA ILE A 317 19.71 -2.59 -19.09
C ILE A 317 18.97 -3.74 -19.74
N ASP A 318 19.07 -4.93 -19.17
CA ASP A 318 18.22 -6.04 -19.62
C ASP A 318 17.13 -6.27 -18.58
N LEU A 319 15.89 -6.06 -19.00
CA LEU A 319 14.77 -6.08 -18.08
C LEU A 319 14.36 -7.49 -17.64
N ASP A 320 14.73 -8.52 -18.40
CA ASP A 320 14.44 -9.90 -18.02
C ASP A 320 15.23 -10.27 -16.78
N GLU A 321 16.21 -9.44 -16.45
CA GLU A 321 17.16 -9.76 -15.39
C GLU A 321 16.88 -8.91 -14.15
N LEU A 322 15.89 -8.03 -14.28
CA LEU A 322 15.36 -7.32 -13.13
C LEU A 322 14.40 -8.21 -12.35
N ASN A 323 14.64 -8.31 -11.05
CA ASN A 323 13.73 -8.95 -10.12
C ASN A 323 13.16 -7.90 -9.17
N MET A 324 11.83 -7.74 -9.16
CA MET A 324 11.22 -6.89 -8.17
C MET A 324 9.96 -7.49 -7.52
N VAL A 325 9.62 -7.00 -6.33
CA VAL A 325 8.25 -7.11 -5.83
C VAL A 325 7.89 -5.76 -5.26
N ALA A 326 6.60 -5.45 -5.28
CA ALA A 326 6.11 -4.12 -4.92
C ALA A 326 4.82 -4.24 -4.14
N TYR A 327 4.64 -3.34 -3.19
CA TYR A 327 3.42 -3.28 -2.42
C TYR A 327 3.07 -1.80 -2.34
N GLY A 328 2.19 -1.33 -3.21
CA GLY A 328 1.97 0.10 -3.32
C GLY A 328 3.27 0.76 -3.69
N ASP A 329 3.74 1.67 -2.85
CA ASP A 329 4.98 2.37 -3.12
C ASP A 329 6.21 1.65 -2.60
N ASP A 330 6.00 0.62 -1.79
CA ASP A 330 7.11 -0.15 -1.21
C ASP A 330 7.74 -1.02 -2.26
N VAL A 331 9.05 -0.94 -2.44
CA VAL A 331 9.71 -1.77 -3.44
C VAL A 331 10.97 -2.47 -2.89
N LEU A 332 11.25 -3.64 -3.44
CA LEU A 332 12.54 -4.30 -3.31
C LEU A 332 12.88 -4.91 -4.63
N ALA A 333 14.09 -4.67 -5.09
CA ALA A 333 14.53 -5.26 -6.33
C ALA A 333 15.98 -5.65 -6.27
N SER A 334 16.37 -6.47 -7.23
CA SER A 334 17.74 -6.87 -7.40
C SER A 334 18.05 -6.83 -8.88
N TYR A 335 19.32 -6.95 -9.20
CA TYR A 335 19.78 -6.89 -10.56
C TYR A 335 21.21 -7.40 -10.51
N PRO A 336 21.68 -8.03 -11.59
CA PRO A 336 23.03 -8.59 -11.63
C PRO A 336 24.11 -7.55 -11.33
N PHE A 337 23.92 -6.31 -11.76
CA PHE A 337 24.90 -5.26 -11.48
C PHE A 337 24.30 -4.27 -10.51
N PRO A 338 25.15 -3.60 -9.73
CA PRO A 338 24.70 -2.49 -8.89
C PRO A 338 23.99 -1.41 -9.71
N ILE A 339 22.99 -0.79 -9.12
CA ILE A 339 22.15 0.21 -9.77
C ILE A 339 22.19 1.49 -8.95
N ASP A 340 22.58 2.59 -9.58
CA ASP A 340 22.76 3.85 -8.89
C ASP A 340 21.44 4.59 -8.67
N CYS A 341 20.94 4.55 -7.44
CA CYS A 341 19.64 5.15 -7.14
C CYS A 341 19.71 6.66 -7.02
N LEU A 342 20.93 7.17 -6.93
CA LEU A 342 21.14 8.61 -6.94
C LEU A 342 20.72 9.10 -8.34
N GLU A 343 21.08 8.31 -9.36
CA GLU A 343 20.72 8.62 -10.73
C GLU A 343 19.26 8.35 -11.05
N LEU A 344 18.78 7.15 -10.73
CA LEU A 344 17.37 6.82 -10.89
C LEU A 344 16.50 7.92 -10.31
N ALA A 345 16.91 8.46 -9.17
CA ALA A 345 16.14 9.50 -8.50
C ALA A 345 16.07 10.78 -9.32
N LYS A 346 17.21 11.15 -9.94
CA LYS A 346 17.25 12.31 -10.81
C LYS A 346 16.31 12.09 -11.99
N THR A 347 16.44 10.96 -12.64
CA THR A 347 15.61 10.69 -13.82
C THR A 347 14.15 10.47 -13.43
N GLY A 348 13.94 9.91 -12.24
CA GLY A 348 12.61 9.74 -11.71
C GLY A 348 11.92 11.06 -11.42
N LYS A 349 12.68 12.07 -11.04
CA LYS A 349 12.09 13.36 -10.71
C LYS A 349 11.54 14.06 -11.94
N GLU A 350 12.18 13.84 -13.09
CA GLU A 350 11.67 14.37 -14.35
C GLU A 350 10.25 13.93 -14.57
N TYR A 351 9.84 12.86 -13.90
CA TYR A 351 8.51 12.28 -14.07
C TYR A 351 7.55 12.70 -12.96
N GLY A 352 8.01 13.56 -12.06
CA GLY A 352 7.19 14.05 -10.97
C GLY A 352 7.18 13.14 -9.75
N LEU A 353 8.19 12.27 -9.66
CA LEU A 353 8.30 11.33 -8.56
C LEU A 353 9.46 11.72 -7.63
N THR A 354 9.13 11.98 -6.37
CA THR A 354 10.19 12.20 -5.40
C THR A 354 10.68 10.92 -4.78
N MET A 355 11.92 10.57 -5.12
CA MET A 355 12.56 9.35 -4.63
C MET A 355 13.70 9.70 -3.69
N THR A 356 13.81 8.96 -2.58
CA THR A 356 14.83 9.24 -1.56
C THR A 356 15.44 7.95 -1.03
N PRO A 357 16.60 8.04 -0.37
CA PRO A 357 17.29 6.84 0.14
C PRO A 357 16.42 5.94 0.97
N ALA A 358 16.62 4.64 0.79
CA ALA A 358 15.86 3.61 1.49
C ALA A 358 16.11 3.72 2.98
N ASP A 359 15.07 3.47 3.77
CA ASP A 359 15.21 3.46 5.24
C ASP A 359 15.74 4.79 5.75
N LYS A 360 15.19 5.88 5.22
CA LYS A 360 15.60 7.23 5.58
C LYS A 360 17.11 7.38 5.62
N SER A 361 17.81 6.47 4.96
CA SER A 361 19.27 6.51 4.87
C SER A 361 19.88 7.79 4.32
N PRO A 362 20.96 8.28 4.95
CA PRO A 362 21.58 9.53 4.51
C PRO A 362 21.87 9.73 3.03
N CYS A 363 22.17 8.64 2.34
CA CYS A 363 22.22 8.66 0.89
C CYS A 363 21.93 7.27 0.33
N PHE A 364 22.01 7.18 -1.00
CA PHE A 364 21.69 5.96 -1.71
C PHE A 364 22.82 4.95 -1.64
N ASN A 365 23.24 4.63 -0.41
CA ASN A 365 24.28 3.64 -0.18
C ASN A 365 23.85 2.27 -0.69
N GLU A 366 24.77 1.33 -0.71
CA GLU A 366 24.39 -0.05 -0.94
C GLU A 366 23.34 -0.57 0.05
N VAL A 367 22.24 -1.09 -0.48
CA VAL A 367 21.29 -1.79 0.34
C VAL A 367 21.69 -3.27 0.33
N ASN A 368 21.82 -3.84 1.52
CA ASN A 368 22.14 -5.26 1.69
C ASN A 368 21.07 -5.87 2.57
N TRP A 369 21.11 -7.17 2.76
CA TRP A 369 20.03 -7.82 3.50
C TRP A 369 20.06 -7.49 4.97
N ASP A 370 21.10 -6.79 5.41
CA ASP A 370 21.27 -6.46 6.82
C ASP A 370 20.53 -5.20 7.23
N ASN A 371 20.44 -4.25 6.30
CA ASN A 371 19.76 -2.99 6.56
C ASN A 371 18.40 -2.90 5.86
N ALA A 372 18.24 -3.72 4.82
CA ALA A 372 17.06 -3.70 3.95
C ALA A 372 15.75 -3.74 4.71
N THR A 373 14.77 -3.02 4.19
CA THR A 373 13.45 -2.89 4.83
C THR A 373 12.28 -2.97 3.82
N PHE A 374 11.24 -3.70 4.17
CA PHE A 374 10.11 -3.92 3.30
C PHE A 374 8.87 -4.13 4.15
N LEU A 375 7.77 -3.47 3.79
CA LEU A 375 6.58 -3.48 4.64
C LEU A 375 6.99 -3.18 6.10
N LYS A 376 7.96 -2.26 6.24
CA LYS A 376 8.44 -1.77 7.53
C LYS A 376 9.41 -2.72 8.20
N ARG A 377 9.58 -3.89 7.60
CA ARG A 377 10.25 -4.97 8.30
C ARG A 377 11.63 -5.21 7.75
N GLY A 378 12.50 -5.75 8.59
CA GLY A 378 13.84 -6.07 8.17
C GLY A 378 13.93 -7.56 7.92
N PHE A 379 15.13 -8.02 7.65
CA PHE A 379 15.35 -9.43 7.37
C PHE A 379 16.38 -9.99 8.34
N LEU A 380 15.94 -10.89 9.21
CA LEU A 380 16.83 -11.52 10.19
C LEU A 380 16.84 -13.02 10.09
N PRO A 381 17.93 -13.57 9.52
CA PRO A 381 18.09 -15.02 9.42
C PRO A 381 18.03 -15.66 10.80
N ASP A 382 17.27 -16.74 10.91
CA ASP A 382 17.21 -17.53 12.13
C ASP A 382 18.59 -18.02 12.50
N GLU A 383 18.94 -17.94 13.77
CA GLU A 383 20.28 -18.33 14.24
C GLU A 383 20.60 -19.80 14.01
N GLN A 384 19.61 -20.65 14.24
CA GLN A 384 19.78 -22.09 14.12
C GLN A 384 19.61 -22.58 12.68
N PHE A 385 18.59 -22.10 11.98
CA PHE A 385 18.32 -22.50 10.60
C PHE A 385 18.34 -21.29 9.69
N PRO A 386 19.56 -20.82 9.37
CA PRO A 386 19.85 -19.59 8.62
C PRO A 386 19.04 -19.40 7.34
N PHE A 387 18.46 -20.48 6.80
CA PHE A 387 17.72 -20.36 5.55
C PHE A 387 16.29 -19.90 5.82
N LEU A 388 15.87 -19.95 7.08
CA LEU A 388 14.61 -19.37 7.53
C LEU A 388 14.80 -17.89 7.92
N ILE A 389 14.05 -16.99 7.29
CA ILE A 389 14.20 -15.55 7.50
C ILE A 389 13.09 -14.95 8.35
N HIS A 390 13.48 -14.35 9.46
CA HIS A 390 12.55 -13.62 10.32
C HIS A 390 12.17 -12.25 9.74
N PRO A 391 10.86 -11.96 9.68
CA PRO A 391 10.39 -10.59 9.41
C PRO A 391 10.58 -9.77 10.67
N THR A 392 11.39 -8.72 10.64
CA THR A 392 11.60 -7.97 11.89
C THR A 392 11.00 -6.55 11.94
N MET A 393 9.86 -6.44 12.62
CA MET A 393 9.26 -5.15 12.93
C MET A 393 10.08 -4.50 14.02
N PRO A 394 10.49 -3.24 13.81
CA PRO A 394 11.35 -2.54 14.78
C PRO A 394 10.67 -2.44 16.13
N MET A 395 11.41 -2.63 17.22
CA MET A 395 10.75 -2.57 18.53
C MET A 395 10.16 -1.19 18.78
N ARG A 396 10.81 -0.18 18.20
CA ARG A 396 10.43 1.21 18.37
C ARG A 396 8.99 1.45 17.91
N GLU A 397 8.60 0.81 16.82
CA GLU A 397 7.24 0.89 16.32
C GLU A 397 6.29 0.18 17.25
N ILE A 398 6.78 -0.91 17.85
CA ILE A 398 5.97 -1.70 18.76
C ILE A 398 5.77 -0.94 20.08
N HIS A 399 6.83 -0.28 20.54
CA HIS A 399 6.77 0.61 21.69
C HIS A 399 5.78 1.73 21.48
N GLU A 400 5.93 2.45 20.36
CA GLU A 400 5.01 3.52 20.00
C GLU A 400 3.58 3.04 20.09
N SER A 401 3.39 1.81 19.62
CA SER A 401 2.08 1.25 19.43
C SER A 401 1.38 0.84 20.73
N ILE A 402 2.16 0.37 21.70
CA ILE A 402 1.59 -0.20 22.93
C ILE A 402 1.04 0.88 23.88
N ARG A 403 1.45 2.11 23.66
CA ARG A 403 1.13 3.22 24.56
C ARG A 403 -0.29 3.75 24.37
N TRP A 404 -0.98 3.30 23.32
CA TRP A 404 -2.33 3.73 23.06
C TRP A 404 -3.30 2.60 22.72
N THR A 405 -4.58 2.93 22.68
CA THR A 405 -5.62 1.96 22.35
C THR A 405 -6.94 2.66 21.97
N LYS A 406 -7.62 2.14 20.96
CA LYS A 406 -8.94 2.65 20.60
C LYS A 406 -10.02 1.96 21.44
N ASP A 407 -9.66 0.90 22.16
CA ASP A 407 -10.61 0.24 23.06
C ASP A 407 -9.91 -0.41 24.27
N ALA A 408 -10.22 0.08 25.46
CA ALA A 408 -9.58 -0.37 26.69
C ALA A 408 -9.95 -1.80 27.08
N ARG A 409 -11.01 -2.31 26.47
CA ARG A 409 -11.44 -3.67 26.74
C ARG A 409 -10.52 -4.64 26.03
N ASN A 410 -9.70 -4.11 25.13
CA ASN A 410 -9.00 -4.95 24.18
C ASN A 410 -7.50 -5.06 24.41
N THR A 411 -7.11 -5.06 25.67
CA THR A 411 -5.71 -5.00 26.02
C THR A 411 -5.02 -6.36 25.86
N GLN A 412 -5.77 -7.44 26.03
CA GLN A 412 -5.17 -8.77 25.85
C GLN A 412 -4.86 -9.02 24.38
N ASP A 413 -5.85 -8.87 23.51
CA ASP A 413 -5.62 -9.07 22.09
C ASP A 413 -4.60 -8.09 21.56
N HIS A 414 -4.65 -6.87 22.08
CA HIS A 414 -3.74 -5.82 21.62
C HIS A 414 -2.29 -6.25 21.87
N VAL A 415 -2.00 -6.68 23.09
CA VAL A 415 -0.64 -7.04 23.49
C VAL A 415 -0.10 -8.30 22.79
N ARG A 416 -0.91 -9.36 22.68
CA ARG A 416 -0.38 -10.57 22.06
C ARG A 416 -0.12 -10.36 20.57
N SER A 417 -0.86 -9.45 19.95
CA SER A 417 -0.60 -9.08 18.57
C SER A 417 0.76 -8.45 18.42
N LEU A 418 1.07 -7.59 19.38
CA LEU A 418 2.35 -6.93 19.38
C LEU A 418 3.44 -7.95 19.69
N CYS A 419 3.10 -8.99 20.44
CA CYS A 419 4.10 -9.99 20.76
C CYS A 419 4.36 -10.84 19.53
N LEU A 420 3.30 -11.15 18.79
CA LEU A 420 3.44 -11.93 17.57
C LEU A 420 4.34 -11.20 16.58
N LEU A 421 4.51 -9.90 16.76
CA LEU A 421 5.37 -9.15 15.88
C LEU A 421 6.74 -9.04 16.47
N ALA A 422 6.81 -9.04 17.81
CA ALA A 422 8.03 -8.68 18.51
C ALA A 422 9.08 -9.79 18.59
N TRP A 423 8.61 -11.03 18.78
CA TRP A 423 9.52 -12.14 19.05
C TRP A 423 10.49 -12.39 17.89
N HIS A 424 10.05 -12.04 16.67
CA HIS A 424 10.89 -12.21 15.49
C HIS A 424 12.24 -11.51 15.58
N ASN A 425 12.32 -10.51 16.47
CA ASN A 425 13.56 -9.75 16.70
C ASN A 425 14.63 -10.51 17.48
N GLY A 426 14.26 -11.67 18.02
CA GLY A 426 15.20 -12.49 18.76
C GLY A 426 14.82 -12.65 20.22
N LYS A 427 15.20 -13.79 20.81
CA LYS A 427 14.92 -14.04 22.22
C LYS A 427 15.34 -12.93 23.18
N GLN A 428 16.55 -12.41 23.02
CA GLN A 428 17.11 -11.44 23.97
C GLN A 428 16.27 -10.16 24.10
N GLU A 429 15.76 -9.70 22.96
CA GLU A 429 14.97 -8.49 22.88
C GLU A 429 13.51 -8.79 23.15
N TYR A 430 13.08 -10.01 22.82
CA TYR A 430 11.71 -10.39 23.12
C TYR A 430 11.54 -10.44 24.62
N GLU A 431 12.53 -10.97 25.31
CA GLU A 431 12.42 -11.09 26.76
C GLU A 431 12.45 -9.73 27.39
N LYS A 432 13.19 -8.82 26.77
CA LYS A 432 13.35 -7.47 27.30
C LYS A 432 12.07 -6.69 27.13
N PHE A 433 11.36 -7.01 26.07
CA PHE A 433 10.02 -6.50 25.84
C PHE A 433 9.06 -7.03 26.93
N VAL A 434 8.91 -8.34 26.98
CA VAL A 434 8.01 -9.00 27.94
C VAL A 434 8.27 -8.60 29.38
N SER A 435 9.53 -8.35 29.68
CA SER A 435 9.89 -8.12 31.06
C SER A 435 9.42 -6.72 31.48
N THR A 436 9.48 -5.76 30.56
CA THR A 436 8.97 -4.40 30.82
C THR A 436 7.43 -4.37 30.77
N ILE A 437 6.83 -5.24 29.96
CA ILE A 437 5.40 -5.49 30.03
C ILE A 437 5.04 -6.05 31.41
N ARG A 438 5.79 -7.06 31.85
CA ARG A 438 5.50 -7.74 33.11
C ARG A 438 6.00 -6.90 34.29
N SER A 439 6.45 -5.68 34.00
CA SER A 439 6.96 -4.77 35.04
C SER A 439 5.84 -3.94 35.67
N VAL A 440 4.62 -4.41 35.47
CA VAL A 440 3.45 -3.64 35.86
C VAL A 440 2.33 -4.65 36.20
N PRO A 441 1.59 -4.39 37.28
CA PRO A 441 0.58 -5.37 37.76
C PRO A 441 -0.37 -5.84 36.67
N VAL A 442 -0.84 -4.93 35.81
CA VAL A 442 -1.73 -5.35 34.72
C VAL A 442 -1.05 -6.33 33.79
N GLY A 443 0.22 -6.07 33.48
CA GLY A 443 0.99 -6.91 32.58
C GLY A 443 1.20 -8.32 33.09
N ARG A 444 1.13 -8.51 34.40
CA ARG A 444 1.38 -9.82 34.94
C ARG A 444 0.13 -10.64 34.92
N ALA A 445 -1.01 -9.96 34.89
CA ALA A 445 -2.30 -10.63 34.82
C ALA A 445 -2.48 -11.18 33.42
N LEU A 446 -1.70 -10.64 32.49
CA LEU A 446 -1.84 -10.97 31.08
C LEU A 446 -1.21 -12.31 30.72
N ALA A 447 -1.92 -13.02 29.84
CA ALA A 447 -1.39 -14.19 29.16
C ALA A 447 -0.45 -13.75 28.03
N ILE A 448 0.84 -13.95 28.23
CA ILE A 448 1.80 -13.55 27.22
C ILE A 448 2.49 -14.76 26.61
N PRO A 449 2.40 -14.91 25.27
CA PRO A 449 2.97 -16.08 24.60
C PRO A 449 4.48 -16.26 24.83
N ASN A 450 4.90 -17.51 24.98
CA ASN A 450 6.30 -17.80 25.28
C ASN A 450 7.20 -18.03 24.04
N TYR A 451 8.39 -17.43 24.08
CA TYR A 451 9.33 -17.38 22.95
C TYR A 451 9.51 -18.68 22.14
N GLU A 452 10.02 -19.72 22.79
CA GLU A 452 10.30 -20.97 22.08
C GLU A 452 9.03 -21.63 21.55
N ASN A 453 7.89 -21.38 22.19
CA ASN A 453 6.63 -21.84 21.64
C ASN A 453 6.23 -21.05 20.40
N LEU A 454 6.34 -19.72 20.44
CA LEU A 454 6.12 -18.91 19.26
C LEU A 454 6.96 -19.42 18.09
N ARG A 455 8.27 -19.61 18.35
CA ARG A 455 9.18 -20.03 17.31
C ARG A 455 8.77 -21.38 16.69
N ARG A 456 8.55 -22.36 17.56
CA ARG A 456 8.10 -23.67 17.16
C ARG A 456 6.97 -23.59 16.14
N ASN A 457 5.88 -22.92 16.53
CA ASN A 457 4.76 -22.70 15.63
C ASN A 457 5.16 -22.16 14.27
N TRP A 458 6.05 -21.18 14.28
CA TRP A 458 6.59 -20.62 13.06
C TRP A 458 7.35 -21.67 12.24
N LEU A 459 8.18 -22.48 12.89
CA LEU A 459 8.89 -23.53 12.15
C LEU A 459 7.92 -24.40 11.40
N GLU A 460 6.80 -24.70 12.05
CA GLU A 460 5.82 -25.61 11.50
C GLU A 460 5.18 -25.06 10.23
N LEU A 461 5.49 -23.81 9.90
CA LEU A 461 4.92 -23.16 8.73
C LEU A 461 5.67 -23.51 7.47
N PHE A 462 6.82 -24.15 7.64
CA PHE A 462 7.73 -24.45 6.55
C PHE A 462 7.83 -25.95 6.36
N GLY B 1 10.76 -10.60 -16.92
CA GLY B 1 11.35 -11.83 -16.43
C GLY B 1 11.99 -11.66 -15.07
N ALA B 2 12.98 -12.50 -14.78
CA ALA B 2 13.68 -12.46 -13.50
C ALA B 2 14.63 -13.64 -13.38
N TYR B 3 14.10 -14.84 -13.63
CA TYR B 3 14.91 -16.06 -13.56
C TYR B 3 16.02 -16.02 -14.60
N SER B 4 16.80 -17.09 -14.66
CA SER B 4 17.90 -17.18 -15.61
C SER B 4 17.84 -17.12 -17.14
N GLY B 5 18.68 -16.26 -17.73
CA GLY B 5 18.69 -16.06 -19.17
C GLY B 5 19.62 -16.99 -19.91
N ALA B 6 19.93 -16.65 -21.16
CA ALA B 6 20.84 -17.46 -21.98
C ALA B 6 21.44 -16.78 -23.23
N PRO B 7 20.60 -16.51 -24.26
CA PRO B 7 21.11 -16.01 -25.53
C PRO B 7 21.14 -14.47 -25.65
N LYS B 8 22.18 -13.92 -26.27
CA LYS B 8 23.32 -14.68 -26.77
C LYS B 8 24.58 -13.82 -26.68
N GLN B 9 24.58 -12.89 -25.73
CA GLN B 9 25.74 -12.05 -25.46
C GLN B 9 25.85 -11.74 -23.97
N VAL B 10 27.08 -11.51 -23.51
CA VAL B 10 27.31 -11.21 -22.11
C VAL B 10 26.73 -9.86 -21.75
N LEU B 11 26.29 -9.75 -20.50
CA LEU B 11 25.75 -8.53 -19.96
C LEU B 11 26.83 -7.79 -19.20
N LYS B 12 26.95 -6.49 -19.45
CA LYS B 12 27.96 -5.67 -18.80
C LYS B 12 27.32 -4.62 -17.89
N LYS B 13 28.11 -4.04 -17.00
CA LYS B 13 27.62 -3.04 -16.07
C LYS B 13 26.72 -2.02 -16.76
N PRO B 14 25.57 -1.65 -16.05
CA PRO B 14 24.75 -0.65 -16.77
C PRO B 14 25.54 0.63 -17.04
N ALA B 15 25.29 1.24 -18.18
CA ALA B 15 26.01 2.47 -18.56
C ALA B 15 25.08 3.67 -18.60
N LEU B 16 25.40 4.67 -17.80
CA LEU B 16 24.50 5.81 -17.55
C LEU B 16 24.19 6.64 -18.80
N ARG B 17 22.93 6.63 -19.24
CA ARG B 17 22.50 7.45 -20.39
C ARG B 17 23.10 8.83 -20.24
N THR B 18 24.03 9.16 -21.14
CA THR B 18 24.71 10.45 -21.04
C THR B 18 24.13 11.47 -22.03
N ALA B 19 23.74 12.62 -21.50
CA ALA B 19 23.24 13.74 -22.30
C ALA B 19 22.10 12.91 -22.89
N THR B 20 22.09 12.79 -24.22
CA THR B 20 21.06 12.07 -24.96
C THR B 20 19.95 13.12 -25.09
NI NI C . -13.99 17.02 -13.48
NI NI D . 1.17 11.16 27.62
#